data_4I92
#
_entry.id   4I92
#
_cell.length_a   35.090
_cell.length_b   76.990
_cell.length_c   50.570
_cell.angle_alpha   90.000
_cell.angle_beta   104.860
_cell.angle_gamma   90.000
#
_symmetry.space_group_name_H-M   'P 1 21 1'
#
loop_
_entity.id
_entity.type
_entity.pdbx_description
1 polymer 'Probable serine/threonine-protein kinase At5g41260'
2 non-polymer 'CHLORIDE ION'
3 water water
#
_entity_poly.entity_id   1
_entity_poly.type   'polypeptide(L)'
_entity_poly.pdbx_seq_one_letter_code
;MAHHHHHHSSGQFREFSIETIRNATSGFAAENIVSEHGERAPNVVYKGKLENQRRIAVKRFNRKSWPDSRQFLEEAKAVG
QLRNHRMANLLGCCYEDEERLLIAEFMPNETLAKHLFHWESQPMKWAMRLRVALHIAQALEYCTSKGRALYHDLNAYRVL
FDDDANPRLSCFGLMKNSRDGKSYSTNLAFTPPEYLRTGRVTPESVIYSFGTLLLDLLSGKHIPPSHALDLIRDRNIQML
MDSGLEGQFSSDDGTELIRLASRCLQYEPRERPNPKSLVSAMIPLQKDLEIASHQLLGVP
;
_entity_poly.pdbx_strand_id   A
#
loop_
_chem_comp.id
_chem_comp.type
_chem_comp.name
_chem_comp.formula
CL non-polymer 'CHLORIDE ION' 'Cl -1'
#
# COMPACT_ATOMS: atom_id res chain seq x y z
N GLN A 12 -5.84 -21.88 3.91
CA GLN A 12 -6.02 -21.64 5.38
C GLN A 12 -4.72 -21.12 6.01
N PHE A 13 -4.84 -20.09 6.85
CA PHE A 13 -3.70 -19.58 7.58
C PHE A 13 -2.95 -20.73 8.25
N ARG A 14 -1.63 -20.77 8.08
CA ARG A 14 -0.84 -21.87 8.62
C ARG A 14 0.50 -21.38 9.18
N GLU A 15 1.17 -22.26 9.91
CA GLU A 15 2.49 -21.96 10.46
C GLU A 15 3.51 -22.69 9.61
N PHE A 16 4.67 -22.05 9.49
CA PHE A 16 5.82 -22.58 8.75
C PHE A 16 7.00 -22.69 9.69
N SER A 17 7.87 -23.66 9.47
CA SER A 17 9.11 -23.71 10.22
C SER A 17 10.13 -22.73 9.66
N ILE A 18 11.09 -22.33 10.47
CA ILE A 18 12.14 -21.42 10.01
C ILE A 18 12.98 -22.11 8.92
N GLU A 19 13.21 -23.41 9.04
CA GLU A 19 13.97 -24.11 7.99
C GLU A 19 13.30 -24.03 6.62
N THR A 20 11.97 -24.24 6.58
CA THR A 20 11.20 -24.13 5.37
C THR A 20 11.38 -22.74 4.77
N ILE A 21 11.31 -21.71 5.60
CA ILE A 21 11.41 -20.35 5.07
C ILE A 21 12.84 -19.99 4.65
N ARG A 22 13.85 -20.42 5.39
CA ARG A 22 15.21 -20.26 4.92
C ARG A 22 15.42 -20.98 3.59
N ASN A 23 14.90 -22.19 3.44
CA ASN A 23 15.04 -22.88 2.15
C ASN A 23 14.34 -22.09 1.03
N ALA A 24 13.16 -21.56 1.34
CA ALA A 24 12.38 -20.84 0.34
C ALA A 24 13.04 -19.54 -0.17
N THR A 25 13.82 -18.89 0.70
CA THR A 25 14.43 -17.59 0.43
C THR A 25 15.93 -17.66 0.23
N SER A 26 16.46 -18.88 0.05
CA SER A 26 17.89 -19.07 -0.10
C SER A 26 18.68 -18.47 1.07
N GLY A 27 18.18 -18.69 2.29
CA GLY A 27 18.80 -18.17 3.51
C GLY A 27 18.68 -16.67 3.64
N PHE A 28 17.50 -16.15 3.34
CA PHE A 28 17.26 -14.69 3.39
C PHE A 28 18.33 -13.96 2.61
N ALA A 29 18.55 -14.45 1.39
CA ALA A 29 19.53 -13.84 0.49
C ALA A 29 19.15 -12.38 0.18
N ALA A 30 20.15 -11.50 0.19
CA ALA A 30 19.88 -10.08 0.03
C ALA A 30 19.20 -9.73 -1.29
N GLU A 31 19.53 -10.45 -2.36
CA GLU A 31 18.93 -10.18 -3.67
C GLU A 31 17.49 -10.59 -3.73
N ASN A 32 17.03 -11.37 -2.75
CA ASN A 32 15.62 -11.64 -2.65
C ASN A 32 14.80 -10.58 -1.94
N ILE A 33 15.45 -9.52 -1.44
CA ILE A 33 14.70 -8.45 -0.82
C ILE A 33 13.91 -7.73 -1.89
N VAL A 34 12.61 -7.56 -1.65
CA VAL A 34 11.72 -6.85 -2.58
C VAL A 34 11.13 -5.57 -2.00
N SER A 35 11.30 -5.35 -0.70
CA SER A 35 10.95 -4.09 -0.08
C SER A 35 12.01 -3.05 -0.39
N GLU A 36 11.81 -1.86 0.14
CA GLU A 36 12.47 -0.69 -0.39
C GLU A 36 13.50 -0.08 0.55
N HIS A 37 13.68 -0.64 1.75
CA HIS A 37 14.55 -0.02 2.77
C HIS A 37 15.80 -0.84 3.08
N GLY A 38 16.10 -1.83 2.24
CA GLY A 38 17.25 -2.70 2.42
C GLY A 38 17.11 -3.71 3.55
N GLU A 39 18.25 -4.20 4.02
CA GLU A 39 18.32 -5.34 4.91
C GLU A 39 18.13 -4.99 6.39
N ARG A 40 18.43 -3.75 6.78
CA ARG A 40 18.50 -3.38 8.21
C ARG A 40 17.26 -2.64 8.74
N ALA A 41 16.18 -2.60 7.96
CA ALA A 41 15.06 -1.75 8.26
C ALA A 41 14.01 -2.45 9.14
N PRO A 42 13.05 -1.69 9.71
CA PRO A 42 11.93 -2.34 10.40
C PRO A 42 11.07 -3.19 9.49
N ASN A 43 11.05 -2.86 8.20
CA ASN A 43 10.21 -3.52 7.24
C ASN A 43 11.13 -4.09 6.17
N VAL A 44 11.30 -5.42 6.21
CA VAL A 44 12.18 -6.14 5.24
C VAL A 44 11.42 -7.34 4.72
N VAL A 45 11.23 -7.39 3.40
CA VAL A 45 10.42 -8.41 2.76
C VAL A 45 11.26 -9.13 1.71
N TYR A 46 11.24 -10.45 1.75
CA TYR A 46 11.99 -11.31 0.84
C TYR A 46 11.03 -12.10 -0.04
N LYS A 47 11.37 -12.26 -1.32
CA LYS A 47 10.65 -13.19 -2.13
C LYS A 47 11.21 -14.58 -1.89
N GLY A 48 10.36 -15.57 -2.06
CA GLY A 48 10.80 -16.96 -1.93
C GLY A 48 9.85 -17.88 -2.68
N LYS A 49 10.21 -19.16 -2.67
CA LYS A 49 9.43 -20.18 -3.36
C LYS A 49 9.42 -21.44 -2.51
N LEU A 50 8.21 -21.92 -2.19
CA LEU A 50 8.04 -23.15 -1.40
C LEU A 50 8.24 -24.40 -2.26
N GLU A 51 8.31 -25.54 -1.56
CA GLU A 51 8.55 -26.83 -2.19
C GLU A 51 7.43 -27.18 -3.18
N ASN A 52 6.23 -26.67 -2.91
CA ASN A 52 5.07 -26.83 -3.83
C ASN A 52 5.07 -25.87 -5.02
N GLN A 53 6.15 -25.10 -5.17
CA GLN A 53 6.34 -24.11 -6.23
C GLN A 53 5.58 -22.80 -6.02
N ARG A 54 4.88 -22.68 -4.90
CA ARG A 54 4.16 -21.45 -4.63
C ARG A 54 5.17 -20.34 -4.30
N ARG A 55 5.04 -19.21 -4.99
CA ARG A 55 5.86 -18.05 -4.71
C ARG A 55 5.26 -17.25 -3.56
N ILE A 56 6.12 -16.79 -2.67
CA ILE A 56 5.71 -16.12 -1.44
C ILE A 56 6.50 -14.85 -1.21
N ALA A 57 5.93 -13.96 -0.40
CA ALA A 57 6.63 -12.82 0.13
C ALA A 57 6.70 -13.06 1.63
N VAL A 58 7.90 -12.87 2.17
CA VAL A 58 8.16 -13.12 3.58
C VAL A 58 8.64 -11.85 4.23
N LYS A 59 7.83 -11.30 5.14
CA LYS A 59 8.29 -10.18 5.93
C LYS A 59 8.99 -10.71 7.16
N ARG A 60 10.25 -10.33 7.32
CA ARG A 60 11.08 -10.75 8.44
C ARG A 60 11.19 -9.62 9.44
N PHE A 61 10.56 -9.80 10.59
CA PHE A 61 10.59 -8.74 11.58
C PHE A 61 11.93 -8.72 12.29
N ASN A 62 12.29 -7.55 12.77
CA ASN A 62 13.52 -7.35 13.52
C ASN A 62 13.47 -8.15 14.83
N ARG A 63 14.63 -8.61 15.28
CA ARG A 63 14.71 -9.17 16.62
C ARG A 63 14.15 -8.15 17.64
N LYS A 64 13.40 -8.66 18.62
CA LYS A 64 12.84 -7.82 19.70
C LYS A 64 11.66 -6.94 19.28
N SER A 65 11.23 -7.01 18.02
CA SER A 65 10.07 -6.23 17.59
C SER A 65 8.77 -6.81 18.14
N TRP A 66 8.65 -8.13 18.07
CA TRP A 66 7.44 -8.84 18.53
C TRP A 66 7.92 -9.97 19.41
N PRO A 67 8.50 -9.63 20.58
CA PRO A 67 9.18 -10.68 21.34
C PRO A 67 8.28 -11.75 21.92
N ASP A 68 7.02 -11.43 22.20
CA ASP A 68 6.09 -12.37 22.81
C ASP A 68 5.42 -13.11 21.65
N SER A 69 5.83 -14.36 21.43
CA SER A 69 5.28 -15.09 20.28
C SER A 69 3.76 -15.30 20.34
N ARG A 70 3.17 -15.33 21.55
CA ARG A 70 1.72 -15.46 21.65
C ARG A 70 1.06 -14.22 21.05
N GLN A 71 1.61 -13.06 21.38
CA GLN A 71 1.05 -11.80 20.85
C GLN A 71 1.25 -11.69 19.35
N PHE A 72 2.44 -12.08 18.89
CA PHE A 72 2.72 -12.11 17.45
C PHE A 72 1.72 -12.99 16.72
N LEU A 73 1.54 -14.21 17.20
CA LEU A 73 0.65 -15.16 16.56
C LEU A 73 -0.79 -14.68 16.55
N GLU A 74 -1.26 -14.10 17.66
CA GLU A 74 -2.63 -13.59 17.73
C GLU A 74 -2.86 -12.55 16.62
N GLU A 75 -1.92 -11.63 16.49
CA GLU A 75 -2.00 -10.61 15.46
C GLU A 75 -1.95 -11.21 14.09
N ALA A 76 -0.99 -12.09 13.86
CA ALA A 76 -0.84 -12.67 12.56
C ALA A 76 -2.08 -13.47 12.16
N LYS A 77 -2.61 -14.24 13.10
CA LYS A 77 -3.77 -15.04 12.84
C LYS A 77 -4.97 -14.14 12.51
N ALA A 78 -5.08 -13.02 13.21
CA ALA A 78 -6.17 -12.07 12.95
C ALA A 78 -6.06 -11.54 11.53
N VAL A 79 -4.85 -11.10 11.15
CA VAL A 79 -4.65 -10.66 9.77
C VAL A 79 -4.92 -11.83 8.81
N GLY A 80 -4.53 -13.04 9.20
CA GLY A 80 -4.74 -14.22 8.38
C GLY A 80 -6.17 -14.61 8.05
N GLN A 81 -7.13 -14.07 8.80
CA GLN A 81 -8.54 -14.35 8.57
C GLN A 81 -9.05 -13.58 7.36
N LEU A 82 -8.32 -12.53 6.96
CA LEU A 82 -8.73 -11.71 5.82
C LEU A 82 -8.37 -12.37 4.51
N ARG A 83 -9.32 -12.39 3.58
CA ARG A 83 -9.12 -12.99 2.29
C ARG A 83 -9.93 -12.17 1.34
N ASN A 84 -9.27 -11.50 0.39
CA ASN A 84 -9.95 -10.59 -0.52
C ASN A 84 -9.12 -10.36 -1.79
N HIS A 85 -9.79 -10.20 -2.92
CA HIS A 85 -9.11 -10.07 -4.19
C HIS A 85 -8.29 -8.81 -4.38
N ARG A 86 -8.62 -7.78 -3.60
CA ARG A 86 -7.85 -6.54 -3.64
C ARG A 86 -6.68 -6.53 -2.68
N MET A 87 -6.43 -7.63 -1.98
CA MET A 87 -5.32 -7.72 -1.01
C MET A 87 -4.29 -8.72 -1.53
N ALA A 88 -3.02 -8.50 -1.18
CA ALA A 88 -2.01 -9.55 -1.19
C ALA A 88 -2.17 -10.21 0.17
N ASN A 89 -2.79 -11.39 0.15
CA ASN A 89 -3.29 -12.02 1.35
C ASN A 89 -2.21 -12.71 2.19
N LEU A 90 -2.47 -12.76 3.50
CA LEU A 90 -1.54 -13.42 4.42
C LEU A 90 -1.83 -14.90 4.45
N LEU A 91 -0.83 -15.70 4.12
CA LEU A 91 -0.93 -17.16 4.07
C LEU A 91 -0.49 -17.84 5.34
N GLY A 92 0.38 -17.19 6.10
CA GLY A 92 0.85 -17.81 7.32
C GLY A 92 1.89 -17.01 8.06
N CYS A 93 2.54 -17.65 9.02
CA CYS A 93 3.54 -17.00 9.83
C CYS A 93 4.54 -18.03 10.31
N CYS A 94 5.63 -17.54 10.88
CA CYS A 94 6.64 -18.39 11.53
C CYS A 94 7.09 -17.68 12.79
N TYR A 95 7.19 -18.41 13.90
CA TYR A 95 7.69 -17.83 15.13
C TYR A 95 8.71 -18.74 15.83
N GLU A 96 9.39 -19.56 15.04
CA GLU A 96 10.42 -20.46 15.56
CA GLU A 96 10.42 -20.44 15.58
C GLU A 96 11.73 -19.70 15.84
N ASP A 97 12.48 -20.14 16.85
CA ASP A 97 13.87 -19.66 17.07
C ASP A 97 14.05 -18.15 17.01
N GLU A 98 13.21 -17.46 17.77
CA GLU A 98 13.22 -16.00 17.88
C GLU A 98 12.86 -15.23 16.60
N GLU A 99 12.65 -15.93 15.49
CA GLU A 99 12.22 -15.28 14.25
C GLU A 99 10.73 -14.98 14.36
N ARG A 100 10.31 -13.92 13.68
CA ARG A 100 8.91 -13.55 13.60
C ARG A 100 8.70 -13.18 12.15
N LEU A 101 8.00 -14.03 11.41
CA LEU A 101 7.82 -13.86 9.97
C LEU A 101 6.37 -13.88 9.59
N LEU A 102 6.00 -13.06 8.61
CA LEU A 102 4.70 -13.11 7.97
C LEU A 102 4.90 -13.58 6.54
N ILE A 103 4.07 -14.51 6.09
CA ILE A 103 4.20 -15.08 4.77
C ILE A 103 2.91 -14.72 4.01
N ALA A 104 3.07 -14.03 2.88
CA ALA A 104 1.95 -13.59 2.06
C ALA A 104 2.12 -14.05 0.62
N GLU A 105 1.04 -13.88 -0.15
CA GLU A 105 1.06 -14.11 -1.60
C GLU A 105 2.08 -13.23 -2.26
N PHE A 106 2.90 -13.82 -3.13
CA PHE A 106 3.90 -13.06 -3.87
C PHE A 106 3.22 -12.27 -5.00
N MET A 107 3.63 -11.01 -5.15
CA MET A 107 3.11 -10.15 -6.20
C MET A 107 4.18 -9.90 -7.24
N PRO A 108 4.07 -10.55 -8.41
CA PRO A 108 5.20 -10.58 -9.36
C PRO A 108 5.40 -9.33 -10.18
N ASN A 109 4.45 -8.39 -10.16
CA ASN A 109 4.61 -7.18 -10.95
C ASN A 109 4.98 -5.94 -10.13
N GLU A 110 5.62 -6.17 -8.99
CA GLU A 110 6.33 -5.12 -8.27
C GLU A 110 5.33 -4.11 -7.69
N THR A 111 5.76 -2.87 -7.51
CA THR A 111 5.00 -1.90 -6.71
C THR A 111 4.50 -0.73 -7.52
N LEU A 112 3.52 -0.02 -6.98
CA LEU A 112 3.11 1.26 -7.55
C LEU A 112 4.33 2.17 -7.65
N ALA A 113 5.18 2.17 -6.64
CA ALA A 113 6.35 3.04 -6.69
C ALA A 113 7.18 2.81 -7.93
N LYS A 114 7.41 1.54 -8.26
CA LYS A 114 8.19 1.22 -9.45
C LYS A 114 7.58 1.80 -10.73
N HIS A 115 6.29 1.57 -10.91
CA HIS A 115 5.63 1.94 -12.17
C HIS A 115 5.32 3.43 -12.22
N LEU A 116 5.09 4.04 -11.07
CA LEU A 116 4.72 5.45 -11.00
C LEU A 116 5.95 6.36 -10.95
N PHE A 117 6.84 6.10 -10.01
CA PHE A 117 8.02 6.95 -9.79
C PHE A 117 9.21 6.55 -10.66
N HIS A 118 9.33 5.25 -10.95
CA HIS A 118 10.54 4.76 -11.62
C HIS A 118 10.22 4.11 -12.96
N TRP A 119 9.32 4.75 -13.69
CA TRP A 119 8.90 4.30 -15.01
C TRP A 119 10.05 4.36 -16.01
N GLU A 120 10.00 3.50 -17.03
CA GLU A 120 11.01 3.50 -18.10
C GLU A 120 10.42 3.85 -19.45
N SER A 121 9.46 3.06 -19.92
CA SER A 121 8.89 3.29 -21.26
CA SER A 121 8.87 3.27 -21.25
C SER A 121 8.08 4.57 -21.31
N GLN A 122 7.15 4.73 -20.37
CA GLN A 122 6.37 5.97 -20.33
C GLN A 122 5.74 6.09 -18.95
N PRO A 123 5.31 7.31 -18.59
CA PRO A 123 4.60 7.49 -17.33
C PRO A 123 3.40 6.58 -17.20
N MET A 124 3.05 6.24 -15.97
CA MET A 124 1.87 5.43 -15.73
CA MET A 124 1.89 5.45 -15.72
C MET A 124 0.65 6.15 -16.28
N LYS A 125 -0.19 5.40 -17.00
CA LYS A 125 -1.38 5.99 -17.61
C LYS A 125 -2.39 6.41 -16.56
N TRP A 126 -3.09 7.52 -16.85
CA TRP A 126 -4.15 8.01 -15.99
C TRP A 126 -5.14 6.92 -15.65
N ALA A 127 -5.60 6.18 -16.66
CA ALA A 127 -6.59 5.15 -16.46
C ALA A 127 -6.09 4.14 -15.45
N MET A 128 -4.81 3.77 -15.53
CA MET A 128 -4.27 2.84 -14.54
C MET A 128 -4.13 3.46 -13.14
N ARG A 129 -3.76 4.74 -13.07
CA ARG A 129 -3.67 5.41 -11.78
C ARG A 129 -5.04 5.39 -11.09
N LEU A 130 -6.12 5.60 -11.84
CA LEU A 130 -7.44 5.69 -11.26
CA LEU A 130 -7.45 5.70 -11.25
C LEU A 130 -7.96 4.32 -10.87
N ARG A 131 -7.54 3.31 -11.64
CA ARG A 131 -7.88 1.92 -11.32
C ARG A 131 -7.20 1.54 -9.99
N VAL A 132 -5.93 1.88 -9.85
CA VAL A 132 -5.23 1.70 -8.57
C VAL A 132 -5.98 2.38 -7.42
N ALA A 133 -6.32 3.64 -7.59
CA ALA A 133 -7.01 4.35 -6.53
C ALA A 133 -8.29 3.64 -6.13
N LEU A 134 -9.11 3.26 -7.11
CA LEU A 134 -10.36 2.57 -6.80
C LEU A 134 -10.13 1.22 -6.14
N HIS A 135 -9.21 0.42 -6.67
CA HIS A 135 -9.02 -0.92 -6.12
C HIS A 135 -8.43 -0.89 -4.71
N ILE A 136 -7.55 0.07 -4.44
CA ILE A 136 -7.02 0.22 -3.10
C ILE A 136 -8.11 0.74 -2.12
N ALA A 137 -8.97 1.64 -2.56
CA ALA A 137 -10.10 2.03 -1.73
C ALA A 137 -10.98 0.84 -1.42
N GLN A 138 -11.23 -0.01 -2.39
CA GLN A 138 -11.95 -1.27 -2.14
C GLN A 138 -11.25 -2.18 -1.15
N ALA A 139 -9.92 -2.26 -1.24
CA ALA A 139 -9.13 -3.03 -0.27
C ALA A 139 -9.32 -2.44 1.14
N LEU A 140 -9.29 -1.12 1.25
CA LEU A 140 -9.51 -0.47 2.54
C LEU A 140 -10.91 -0.72 3.07
N GLU A 141 -11.90 -0.69 2.19
CA GLU A 141 -13.26 -0.99 2.61
C GLU A 141 -13.32 -2.41 3.16
N TYR A 142 -12.64 -3.34 2.51
CA TYR A 142 -12.68 -4.73 2.95
C TYR A 142 -12.03 -4.89 4.32
N CYS A 143 -10.85 -4.29 4.47
CA CYS A 143 -10.10 -4.45 5.70
C CYS A 143 -10.91 -3.88 6.87
N THR A 144 -11.47 -2.71 6.69
CA THR A 144 -12.34 -2.08 7.70
C THR A 144 -13.53 -3.00 8.01
N SER A 145 -14.12 -3.61 6.98
CA SER A 145 -15.26 -4.52 7.15
C SER A 145 -14.95 -5.71 8.06
N LYS A 146 -13.68 -6.10 8.11
CA LYS A 146 -13.25 -7.28 8.87
C LYS A 146 -12.59 -6.88 10.17
N GLY A 147 -12.76 -5.64 10.59
CA GLY A 147 -12.24 -5.15 11.89
C GLY A 147 -10.75 -4.86 11.91
N ARG A 148 -10.15 -4.70 10.72
CA ARG A 148 -8.74 -4.33 10.60
C ARG A 148 -8.63 -2.99 9.90
N ALA A 149 -9.09 -1.95 10.57
CA ALA A 149 -9.10 -0.58 10.02
C ALA A 149 -7.78 0.15 10.13
N LEU A 150 -6.86 -0.34 10.97
CA LEU A 150 -5.59 0.31 11.09
C LEU A 150 -4.70 -0.20 9.99
N TYR A 151 -4.03 0.70 9.33
CA TYR A 151 -3.02 0.31 8.35
C TYR A 151 -1.82 1.21 8.56
N HIS A 152 -0.65 0.60 8.64
CA HIS A 152 0.58 1.31 8.92
C HIS A 152 1.40 1.59 7.67
N ASP A 153 1.72 2.86 7.49
CA ASP A 153 2.61 3.33 6.43
C ASP A 153 2.11 3.01 5.01
N LEU A 154 0.85 3.24 4.74
CA LEU A 154 0.37 3.11 3.36
C LEU A 154 1.06 4.17 2.52
N ASN A 155 1.74 3.71 1.48
CA ASN A 155 2.27 4.54 0.43
C ASN A 155 2.45 3.66 -0.80
N ALA A 156 3.14 4.19 -1.80
CA ALA A 156 3.21 3.54 -3.08
C ALA A 156 4.01 2.23 -3.05
N TYR A 157 4.78 1.99 -2.00
CA TYR A 157 5.53 0.76 -1.87
C TYR A 157 4.68 -0.37 -1.29
N ARG A 158 3.50 -0.05 -0.76
CA ARG A 158 2.59 -1.05 -0.18
C ARG A 158 1.47 -1.42 -1.14
N VAL A 159 1.48 -0.82 -2.32
CA VAL A 159 0.55 -1.15 -3.40
C VAL A 159 1.33 -2.01 -4.36
N LEU A 160 0.84 -3.25 -4.54
CA LEU A 160 1.58 -4.28 -5.28
C LEU A 160 0.77 -4.68 -6.49
N PHE A 161 1.39 -5.29 -7.50
CA PHE A 161 0.69 -5.75 -8.71
C PHE A 161 0.82 -7.28 -8.87
N ASP A 162 -0.31 -7.93 -9.09
CA ASP A 162 -0.36 -9.37 -9.07
C ASP A 162 0.02 -9.95 -10.44
N ASP A 163 -0.15 -11.25 -10.61
CA ASP A 163 0.16 -11.92 -11.87
C ASP A 163 -0.50 -11.29 -13.10
N ASP A 164 -1.67 -10.70 -12.91
CA ASP A 164 -2.45 -10.15 -14.00
C ASP A 164 -2.35 -8.63 -14.03
N ALA A 165 -1.37 -8.12 -13.28
CA ALA A 165 -1.06 -6.70 -13.20
C ALA A 165 -2.16 -5.92 -12.49
N ASN A 166 -2.97 -6.60 -11.72
CA ASN A 166 -4.01 -5.91 -10.95
C ASN A 166 -3.45 -5.43 -9.62
N PRO A 167 -3.84 -4.22 -9.19
CA PRO A 167 -3.30 -3.67 -7.94
C PRO A 167 -3.88 -4.27 -6.68
N ARG A 168 -3.03 -4.51 -5.70
CA ARG A 168 -3.46 -5.07 -4.43
C ARG A 168 -2.79 -4.37 -3.31
N LEU A 169 -3.46 -4.33 -2.18
CA LEU A 169 -2.88 -3.76 -0.99
C LEU A 169 -2.13 -4.83 -0.24
N SER A 170 -0.87 -4.55 0.11
CA SER A 170 -0.08 -5.50 0.88
C SER A 170 -0.72 -5.73 2.25
N CYS A 171 -0.92 -6.99 2.60
CA CYS A 171 -1.46 -7.29 3.94
C CYS A 171 -0.51 -6.91 5.07
N PHE A 172 0.78 -6.73 4.79
CA PHE A 172 1.74 -6.56 5.87
C PHE A 172 1.49 -5.31 6.70
N GLY A 173 0.99 -4.26 6.09
CA GLY A 173 0.76 -3.02 6.80
C GLY A 173 -0.39 -3.08 7.76
N LEU A 174 -1.12 -4.21 7.81
CA LEU A 174 -2.16 -4.36 8.82
C LEU A 174 -1.61 -4.64 10.23
N MET A 175 -0.32 -4.95 10.32
CA MET A 175 0.36 -5.21 11.59
CA MET A 175 0.36 -5.19 11.60
C MET A 175 1.51 -4.21 11.73
N LYS A 176 1.74 -3.72 12.94
CA LYS A 176 2.87 -2.82 13.18
C LYS A 176 4.18 -3.56 12.97
N ASN A 177 5.25 -2.81 12.68
CA ASN A 177 6.57 -3.42 12.52
C ASN A 177 7.15 -3.93 13.85
N SER A 178 6.63 -3.38 14.94
CA SER A 178 7.02 -3.80 16.28
C SER A 178 5.86 -3.43 17.18
N ARG A 179 5.62 -4.18 18.24
CA ARG A 179 4.47 -3.85 19.09
C ARG A 179 4.66 -2.48 19.75
N ASP A 180 5.87 -2.22 20.23
CA ASP A 180 6.16 -1.01 20.99
C ASP A 180 7.13 -0.04 20.35
N GLY A 181 8.02 -0.50 19.46
CA GLY A 181 9.06 0.40 18.92
C GLY A 181 8.48 1.59 18.16
N LYS A 182 9.04 2.78 18.33
CA LYS A 182 8.54 3.88 17.55
C LYS A 182 9.03 3.62 16.14
N SER A 183 8.13 3.62 15.19
CA SER A 183 8.54 3.48 13.81
CA SER A 183 8.53 3.48 13.82
C SER A 183 8.68 4.88 13.23
N TYR A 184 9.64 4.99 12.34
CA TYR A 184 9.92 6.13 11.56
C TYR A 184 9.78 5.72 10.12
N SER A 185 8.90 4.75 9.87
CA SER A 185 8.73 4.19 8.53
C SER A 185 8.02 5.13 7.57
N THR A 186 7.22 6.05 8.08
CA THR A 186 6.68 7.15 7.27
C THR A 186 7.25 8.44 7.78
N ASN A 187 7.86 9.22 6.90
CA ASN A 187 8.30 10.54 7.26
C ASN A 187 7.14 11.37 7.74
N LEU A 188 7.40 12.19 8.74
CA LEU A 188 6.38 12.99 9.41
C LEU A 188 5.64 13.93 8.50
N ALA A 189 6.25 14.32 7.41
CA ALA A 189 5.59 15.13 6.38
C ALA A 189 4.32 14.46 5.84
N PHE A 190 4.27 13.13 5.93
CA PHE A 190 3.19 12.35 5.35
C PHE A 190 2.23 11.76 6.35
N THR A 191 2.49 11.94 7.65
CA THR A 191 1.68 11.31 8.67
C THR A 191 0.51 12.21 9.00
N PRO A 192 -0.64 11.61 9.35
CA PRO A 192 -1.72 12.54 9.65
C PRO A 192 -1.45 13.31 10.92
N PRO A 193 -2.06 14.50 11.03
CA PRO A 193 -1.74 15.41 12.12
C PRO A 193 -2.02 14.78 13.49
N GLU A 194 -3.02 13.90 13.58
CA GLU A 194 -3.36 13.25 14.86
C GLU A 194 -2.26 12.31 15.37
N TYR A 195 -1.46 11.73 14.47
CA TYR A 195 -0.29 10.92 14.84
C TYR A 195 0.78 11.76 15.53
N LEU A 196 1.05 12.93 14.98
CA LEU A 196 2.02 13.84 15.55
C LEU A 196 1.58 14.19 16.97
N ARG A 197 0.30 14.52 17.17
CA ARG A 197 -0.21 14.82 18.51
C ARG A 197 -0.13 13.64 19.49
N THR A 198 -0.50 12.44 19.05
CA THR A 198 -0.79 11.30 19.96
C THR A 198 0.11 10.06 19.81
N GLY A 199 0.82 9.97 18.70
CA GLY A 199 1.63 8.78 18.42
C GLY A 199 0.81 7.55 18.06
N ARG A 200 -0.51 7.74 17.90
CA ARG A 200 -1.45 6.64 17.67
C ARG A 200 -2.10 6.73 16.28
N VAL A 201 -2.38 5.55 15.70
CA VAL A 201 -3.06 5.38 14.41
C VAL A 201 -4.54 5.10 14.70
N THR A 202 -5.44 5.78 13.97
CA THR A 202 -6.88 5.48 14.05
C THR A 202 -7.39 5.10 12.67
N PRO A 203 -8.63 4.60 12.57
CA PRO A 203 -9.19 4.24 11.26
C PRO A 203 -9.15 5.38 10.26
N GLU A 204 -9.40 6.58 10.74
CA GLU A 204 -9.35 7.75 9.87
C GLU A 204 -7.92 8.12 9.44
N SER A 205 -6.91 7.69 10.19
CA SER A 205 -5.51 7.90 9.84
C SER A 205 -5.17 7.30 8.49
N VAL A 206 -5.62 6.08 8.20
CA VAL A 206 -5.33 5.46 6.91
C VAL A 206 -5.99 6.24 5.75
N ILE A 207 -7.10 6.89 6.04
CA ILE A 207 -7.77 7.70 5.01
C ILE A 207 -6.88 8.89 4.62
N TYR A 208 -6.24 9.49 5.62
CA TYR A 208 -5.28 10.55 5.36
C TYR A 208 -4.15 10.00 4.49
N SER A 209 -3.62 8.83 4.87
CA SER A 209 -2.60 8.19 4.07
C SER A 209 -3.07 7.95 2.62
N PHE A 210 -4.33 7.52 2.48
CA PHE A 210 -4.89 7.34 1.13
C PHE A 210 -4.87 8.66 0.35
N GLY A 211 -5.12 9.76 1.06
CA GLY A 211 -4.98 11.09 0.46
C GLY A 211 -3.60 11.32 -0.08
N THR A 212 -2.58 10.92 0.66
CA THR A 212 -1.19 11.04 0.16
C THR A 212 -0.97 10.16 -1.08
N LEU A 213 -1.58 8.98 -1.13
CA LEU A 213 -1.51 8.12 -2.28
C LEU A 213 -2.16 8.81 -3.50
N LEU A 214 -3.29 9.46 -3.30
CA LEU A 214 -3.90 10.23 -4.37
C LEU A 214 -2.99 11.34 -4.86
N LEU A 215 -2.34 12.04 -3.93
CA LEU A 215 -1.35 13.06 -4.32
C LEU A 215 -0.22 12.45 -5.13
N ASP A 216 0.24 11.27 -4.76
CA ASP A 216 1.30 10.60 -5.52
C ASP A 216 0.83 10.33 -6.94
N LEU A 217 -0.37 9.83 -7.07
CA LEU A 217 -0.95 9.46 -8.37
C LEU A 217 -1.19 10.70 -9.23
N LEU A 218 -1.65 11.76 -8.58
CA LEU A 218 -1.92 13.00 -9.29
C LEU A 218 -0.65 13.64 -9.81
N SER A 219 0.40 13.60 -9.00
CA SER A 219 1.63 14.39 -9.26
C SER A 219 2.74 13.61 -9.92
N GLY A 220 2.73 12.28 -9.79
CA GLY A 220 3.80 11.42 -10.22
C GLY A 220 5.03 11.46 -9.32
N LYS A 221 4.90 12.04 -8.13
CA LYS A 221 5.98 12.03 -7.14
C LYS A 221 5.37 12.01 -5.77
N HIS A 222 6.21 11.76 -4.76
CA HIS A 222 5.74 11.67 -3.39
C HIS A 222 5.76 13.07 -2.79
N ILE A 223 4.80 13.88 -3.22
CA ILE A 223 4.74 15.27 -2.87
C ILE A 223 4.28 15.47 -1.43
N PRO A 224 5.06 16.17 -0.60
CA PRO A 224 4.59 16.43 0.75
C PRO A 224 3.22 17.13 0.78
N PRO A 225 2.29 16.61 1.58
CA PRO A 225 0.98 17.20 1.68
C PRO A 225 0.96 18.71 1.93
N SER A 226 1.84 19.23 2.79
CA SER A 226 1.85 20.68 3.06
CA SER A 226 1.78 20.66 3.05
C SER A 226 2.04 21.47 1.77
N HIS A 227 2.99 21.03 0.95
CA HIS A 227 3.22 21.68 -0.33
C HIS A 227 2.07 21.48 -1.31
N ALA A 228 1.56 20.26 -1.43
CA ALA A 228 0.39 20.03 -2.31
C ALA A 228 -0.81 20.87 -1.89
N LEU A 229 -1.05 20.96 -0.59
CA LEU A 229 -2.22 21.69 -0.10
C LEU A 229 -2.11 23.17 -0.40
N ASP A 230 -0.89 23.70 -0.42
CA ASP A 230 -0.68 25.08 -0.84
C ASP A 230 -1.09 25.26 -2.31
N LEU A 231 -0.61 24.34 -3.16
CA LEU A 231 -0.94 24.37 -4.57
C LEU A 231 -2.44 24.26 -4.75
N ILE A 232 -3.07 23.38 -3.98
CA ILE A 232 -4.52 23.18 -4.09
C ILE A 232 -5.27 24.45 -3.67
N ARG A 233 -4.84 25.08 -2.58
CA ARG A 233 -5.43 26.33 -2.12
C ARG A 233 -5.36 27.38 -3.22
N ASP A 234 -4.25 27.40 -3.95
CA ASP A 234 -4.08 28.34 -5.09
C ASP A 234 -4.79 27.88 -6.37
N ARG A 235 -5.39 26.69 -6.36
CA ARG A 235 -5.95 26.06 -7.54
C ARG A 235 -4.92 25.98 -8.66
N ASN A 236 -3.67 25.74 -8.26
CA ASN A 236 -2.59 25.61 -9.21
C ASN A 236 -2.49 24.17 -9.68
N ILE A 237 -3.51 23.74 -10.41
CA ILE A 237 -3.60 22.38 -10.87
C ILE A 237 -2.46 22.00 -11.80
N GLN A 238 -2.00 22.94 -12.62
CA GLN A 238 -0.89 22.63 -13.52
C GLN A 238 0.43 22.36 -12.83
N MET A 239 0.67 22.98 -11.68
CA MET A 239 1.90 22.69 -10.95
C MET A 239 1.76 21.40 -10.16
N LEU A 240 0.55 21.10 -9.74
CA LEU A 240 0.31 19.89 -8.94
C LEU A 240 0.38 18.64 -9.80
N MET A 241 -0.33 18.65 -10.92
CA MET A 241 -0.51 17.45 -11.71
C MET A 241 0.70 17.11 -12.55
N ASP A 242 0.92 15.81 -12.67
CA ASP A 242 2.03 15.24 -13.44
C ASP A 242 1.93 15.73 -14.88
N SER A 243 2.96 16.44 -15.35
CA SER A 243 3.01 16.86 -16.75
C SER A 243 2.92 15.70 -17.74
N GLY A 244 3.36 14.53 -17.32
CA GLY A 244 3.28 13.34 -18.15
C GLY A 244 1.88 12.81 -18.40
N LEU A 245 0.89 13.35 -17.69
CA LEU A 245 -0.52 12.96 -17.90
C LEU A 245 -1.22 13.81 -18.94
N GLU A 246 -0.52 14.81 -19.48
CA GLU A 246 -1.17 15.79 -20.34
C GLU A 246 -2.01 15.16 -21.45
N GLY A 247 -3.29 15.53 -21.50
CA GLY A 247 -4.19 15.03 -22.54
C GLY A 247 -4.88 13.72 -22.23
N GLN A 248 -4.64 13.17 -21.04
CA GLN A 248 -5.25 11.89 -20.67
C GLN A 248 -6.50 12.06 -19.80
N PHE A 249 -6.77 13.27 -19.32
CA PHE A 249 -7.85 13.49 -18.36
C PHE A 249 -8.52 14.84 -18.57
N SER A 250 -9.81 14.91 -18.24
CA SER A 250 -10.59 16.16 -18.31
C SER A 250 -10.28 16.98 -17.06
N SER A 251 -10.31 18.30 -17.18
CA SER A 251 -10.09 19.16 -16.01
C SER A 251 -11.07 18.80 -14.88
N ASP A 252 -12.31 18.50 -15.26
CA ASP A 252 -13.33 18.08 -14.30
C ASP A 252 -12.86 16.85 -13.51
N ASP A 253 -12.32 15.85 -14.20
CA ASP A 253 -11.96 14.59 -13.51
C ASP A 253 -10.70 14.77 -12.65
N GLY A 254 -9.73 15.50 -13.20
CA GLY A 254 -8.51 15.86 -12.44
C GLY A 254 -8.93 16.60 -11.17
N THR A 255 -9.76 17.60 -11.36
CA THR A 255 -10.25 18.35 -10.23
C THR A 255 -11.05 17.52 -9.23
N GLU A 256 -11.89 16.58 -9.71
CA GLU A 256 -12.68 15.70 -8.85
CA GLU A 256 -12.67 15.77 -8.80
C GLU A 256 -11.75 14.88 -7.96
N LEU A 257 -10.66 14.37 -8.56
CA LEU A 257 -9.72 13.58 -7.76
C LEU A 257 -8.96 14.42 -6.75
N ILE A 258 -8.58 15.64 -7.14
CA ILE A 258 -7.96 16.59 -6.23
C ILE A 258 -8.91 16.89 -5.06
N ARG A 259 -10.18 17.08 -5.38
CA ARG A 259 -11.17 17.34 -4.32
C ARG A 259 -11.27 16.16 -3.36
N LEU A 260 -11.14 14.95 -3.87
CA LEU A 260 -11.19 13.78 -3.00
C LEU A 260 -9.95 13.74 -2.11
N ALA A 261 -8.80 14.06 -2.69
CA ALA A 261 -7.56 14.14 -1.91
C ALA A 261 -7.72 15.16 -0.78
N SER A 262 -8.28 16.33 -1.11
CA SER A 262 -8.47 17.37 -0.10
C SER A 262 -9.35 16.88 1.06
N ARG A 263 -10.37 16.08 0.75
CA ARG A 263 -11.23 15.53 1.79
C ARG A 263 -10.43 14.59 2.68
N CYS A 264 -9.60 13.75 2.05
CA CYS A 264 -8.80 12.77 2.78
C CYS A 264 -7.80 13.41 3.70
N LEU A 265 -7.31 14.58 3.30
CA LEU A 265 -6.23 15.23 4.00
C LEU A 265 -6.74 16.26 5.00
N GLN A 266 -8.06 16.31 5.22
CA GLN A 266 -8.63 17.20 6.23
C GLN A 266 -7.98 16.99 7.59
N TYR A 267 -7.67 18.09 8.27
CA TYR A 267 -7.12 18.08 9.61
C TYR A 267 -8.01 17.25 10.54
N GLU A 268 -9.31 17.52 10.54
CA GLU A 268 -10.25 16.83 11.44
C GLU A 268 -10.56 15.43 10.93
N PRO A 269 -10.17 14.38 11.69
CA PRO A 269 -10.38 13.01 11.20
C PRO A 269 -11.84 12.70 10.84
N ARG A 270 -12.79 13.25 11.59
CA ARG A 270 -14.20 12.95 11.33
C ARG A 270 -14.70 13.51 9.99
N GLU A 271 -13.98 14.47 9.41
CA GLU A 271 -14.40 15.06 8.14
C GLU A 271 -13.93 14.26 6.94
N ARG A 272 -12.95 13.37 7.14
CA ARG A 272 -12.42 12.59 6.02
C ARG A 272 -13.47 11.59 5.52
N PRO A 273 -13.40 11.19 4.25
CA PRO A 273 -14.39 10.22 3.75
C PRO A 273 -14.27 8.86 4.41
N ASN A 274 -15.37 8.12 4.51
CA ASN A 274 -15.20 6.74 4.93
C ASN A 274 -14.83 5.94 3.68
N PRO A 275 -14.37 4.70 3.86
CA PRO A 275 -13.94 3.94 2.69
C PRO A 275 -15.02 3.79 1.60
N LYS A 276 -16.27 3.60 2.00
CA LYS A 276 -17.33 3.44 1.00
C LYS A 276 -17.47 4.69 0.15
N SER A 277 -17.26 5.86 0.80
CA SER A 277 -17.36 7.12 0.10
C SER A 277 -16.21 7.29 -0.89
N LEU A 278 -15.03 6.79 -0.52
CA LEU A 278 -13.91 6.79 -1.47
C LEU A 278 -14.21 5.98 -2.72
N VAL A 279 -14.76 4.79 -2.51
CA VAL A 279 -15.09 3.92 -3.62
C VAL A 279 -16.12 4.60 -4.51
N SER A 280 -17.16 5.16 -3.92
CA SER A 280 -18.24 5.76 -4.72
CA SER A 280 -18.23 5.78 -4.69
C SER A 280 -17.73 6.94 -5.53
N ALA A 281 -16.86 7.75 -4.92
CA ALA A 281 -16.32 8.92 -5.56
C ALA A 281 -15.42 8.54 -6.73
N MET A 282 -14.77 7.39 -6.64
CA MET A 282 -13.83 6.96 -7.68
C MET A 282 -14.51 6.45 -8.96
N ILE A 283 -15.75 5.93 -8.84
CA ILE A 283 -16.40 5.25 -9.96
C ILE A 283 -16.51 6.09 -11.23
N PRO A 284 -17.04 7.31 -11.14
CA PRO A 284 -17.21 8.11 -12.36
C PRO A 284 -15.93 8.55 -13.02
N LEU A 285 -14.80 8.45 -12.31
CA LEU A 285 -13.52 8.85 -12.83
C LEU A 285 -12.81 7.73 -13.59
N GLN A 286 -13.30 6.50 -13.49
CA GLN A 286 -12.65 5.37 -14.16
C GLN A 286 -12.69 5.53 -15.67
N LYS A 287 -11.64 5.03 -16.31
CA LYS A 287 -11.39 5.19 -17.74
CA LYS A 287 -11.37 5.21 -17.73
C LYS A 287 -10.86 3.90 -18.30
N ASP A 288 -11.19 3.60 -19.56
CA ASP A 288 -10.66 2.41 -20.23
C ASP A 288 -10.95 1.12 -19.46
N LEU A 289 -12.18 1.01 -18.96
CA LEU A 289 -12.59 -0.16 -18.21
C LEU A 289 -12.39 -1.48 -18.96
N GLU A 290 -12.48 -1.46 -20.28
CA GLU A 290 -12.42 -2.68 -21.07
CA GLU A 290 -12.40 -2.72 -21.02
C GLU A 290 -10.96 -3.14 -21.30
N ILE A 291 -9.99 -2.29 -20.92
CA ILE A 291 -8.60 -2.63 -21.15
C ILE A 291 -8.03 -3.38 -19.94
N ALA A 292 -7.42 -4.54 -20.21
CA ALA A 292 -6.77 -5.35 -19.20
C ALA A 292 -5.65 -4.58 -18.49
N SER A 293 -5.53 -4.80 -17.20
CA SER A 293 -4.46 -4.18 -16.44
C SER A 293 -3.06 -4.38 -17.00
N HIS A 294 -2.73 -5.57 -17.50
CA HIS A 294 -1.37 -5.72 -18.01
C HIS A 294 -1.12 -4.79 -19.20
N GLN A 295 -2.13 -4.56 -20.04
CA GLN A 295 -1.99 -3.64 -21.16
C GLN A 295 -1.88 -2.20 -20.67
N LEU A 296 -2.75 -1.82 -19.72
CA LEU A 296 -2.69 -0.48 -19.18
C LEU A 296 -1.39 -0.22 -18.45
N LEU A 297 -0.95 -1.16 -17.62
CA LEU A 297 0.29 -0.98 -16.87
C LEU A 297 1.55 -1.11 -17.72
N GLY A 298 1.42 -1.83 -18.84
CA GLY A 298 2.54 -2.03 -19.77
C GLY A 298 3.48 -3.13 -19.33
N VAL A 299 2.94 -4.21 -18.77
CA VAL A 299 3.73 -5.39 -18.40
C VAL A 299 3.19 -6.59 -19.19
N PRO A 300 4.00 -7.64 -19.30
CA PRO A 300 3.48 -8.84 -19.96
C PRO A 300 2.28 -9.47 -19.25
CL CL B . 5.00 -8.77 21.38
#